data_7S5C
#
_entry.id   7S5C
#
_cell.length_a   63.830
_cell.length_b   68.360
_cell.length_c   83.390
_cell.angle_alpha   90.00
_cell.angle_beta   103.62
_cell.angle_gamma   90.00
#
_symmetry.space_group_name_H-M   'P 1 21 1'
#
loop_
_entity.id
_entity.type
_entity.pdbx_description
1 polymer EncB
2 non-polymer 'FE (III) ION'
3 non-polymer 'CALCIUM ION'
4 water water
#
_entity_poly.entity_id   1
_entity_poly.type   'polypeptide(L)'
_entity_poly.pdbx_seq_one_letter_code
;MHHHHHHMQGSIPMAGPPDSDLDDVARIRLVLARELETINEYEAYARASSNPEVRAFFQHLAAEEKEHVSEAVHMLRMLD
SGQNDHFAKPFVPGHFQAAEAPAPATV
;
_entity_poly.pdbx_strand_id   A,B,E,F,G,H,I,J,C,D
#
# COMPACT_ATOMS: atom_id res chain seq x y z
N ASP A 21 -1.65 -7.75 18.24
CA ASP A 21 -2.11 -7.37 19.56
C ASP A 21 -3.57 -6.91 19.49
N LEU A 22 -4.47 -7.86 19.30
CA LEU A 22 -5.89 -7.57 19.14
C LEU A 22 -6.71 -8.37 20.14
N ASP A 23 -7.70 -7.71 20.74
CA ASP A 23 -8.70 -8.41 21.54
C ASP A 23 -10.00 -8.46 20.74
N ASP A 24 -11.02 -9.07 21.34
CA ASP A 24 -12.28 -9.26 20.63
C ASP A 24 -12.88 -7.93 20.18
N VAL A 25 -12.82 -6.90 21.03
CA VAL A 25 -13.47 -5.64 20.67
C VAL A 25 -12.74 -5.00 19.50
N ALA A 26 -11.42 -5.15 19.44
CA ALA A 26 -10.67 -4.60 18.31
C ALA A 26 -11.04 -5.29 17.00
N ARG A 27 -11.17 -6.63 17.03
CA ARG A 27 -11.57 -7.34 15.82
C ARG A 27 -12.97 -6.93 15.38
N ILE A 28 -13.86 -6.66 16.34
CA ILE A 28 -15.21 -6.16 15.99
C ILE A 28 -15.11 -4.79 15.31
N ARG A 29 -14.32 -3.87 15.89
CA ARG A 29 -14.13 -2.56 15.25
C ARG A 29 -13.56 -2.69 13.84
N LEU A 30 -12.62 -3.62 13.64
CA LEU A 30 -12.01 -3.80 12.32
C LEU A 30 -13.03 -4.31 11.30
N VAL A 31 -13.85 -5.29 11.69
CA VAL A 31 -14.91 -5.77 10.82
C VAL A 31 -15.90 -4.67 10.48
N LEU A 32 -16.29 -3.86 11.48
CA LEU A 32 -17.23 -2.78 11.22
C LEU A 32 -16.64 -1.75 10.25
N ALA A 33 -15.37 -1.37 10.43
CA ALA A 33 -14.73 -0.44 9.51
C ALA A 33 -14.69 -0.99 8.07
N ARG A 34 -14.32 -2.27 7.94
CA ARG A 34 -14.29 -2.88 6.62
C ARG A 34 -15.68 -2.91 5.97
N GLU A 35 -16.71 -3.29 6.74
CA GLU A 35 -18.07 -3.31 6.23
C GLU A 35 -18.49 -1.93 5.74
N LEU A 36 -18.10 -0.88 6.44
CA LEU A 36 -18.48 0.46 5.99
C LEU A 36 -17.83 0.81 4.66
N GLU A 37 -16.55 0.47 4.50
CA GLU A 37 -15.91 0.69 3.20
C GLU A 37 -16.58 -0.14 2.10
N THR A 38 -16.96 -1.38 2.43
CA THR A 38 -17.62 -2.25 1.45
C THR A 38 -18.95 -1.66 0.99
N ILE A 39 -19.72 -1.09 1.91
CA ILE A 39 -20.97 -0.45 1.51
C ILE A 39 -20.69 0.71 0.57
N ASN A 40 -19.67 1.53 0.89
CA ASN A 40 -19.30 2.61 -0.05
C ASN A 40 -19.04 2.07 -1.45
N GLU A 41 -18.33 0.94 -1.53
CA GLU A 41 -18.01 0.36 -2.84
C GLU A 41 -19.26 -0.15 -3.55
N TYR A 42 -20.15 -0.83 -2.82
CA TYR A 42 -21.37 -1.34 -3.45
C TYR A 42 -22.23 -0.21 -3.99
N GLU A 43 -22.38 0.87 -3.20
CA GLU A 43 -23.22 1.98 -3.66
C GLU A 43 -22.59 2.67 -4.86
N ALA A 44 -21.26 2.83 -4.85
CA ALA A 44 -20.58 3.43 -5.99
C ALA A 44 -20.73 2.57 -7.25
N TYR A 45 -20.59 1.25 -7.11
CA TYR A 45 -20.74 0.37 -8.27
C TYR A 45 -22.18 0.37 -8.77
N ALA A 46 -23.15 0.41 -7.85
CA ALA A 46 -24.55 0.49 -8.27
C ALA A 46 -24.82 1.76 -9.05
N ARG A 47 -24.22 2.88 -8.61
CA ARG A 47 -24.38 4.12 -9.35
C ARG A 47 -23.72 4.04 -10.72
N ALA A 48 -22.56 3.38 -10.81
CA ALA A 48 -21.79 3.39 -12.06
C ALA A 48 -22.32 2.43 -13.11
N SER A 49 -23.32 1.63 -12.80
CA SER A 49 -23.81 0.61 -13.72
C SER A 49 -24.99 1.14 -14.53
N SER A 50 -25.08 0.72 -15.79
CA SER A 50 -26.23 1.03 -16.64
C SER A 50 -27.18 -0.14 -16.79
N ASN A 51 -26.73 -1.36 -16.50
CA ASN A 51 -27.61 -2.52 -16.54
C ASN A 51 -28.45 -2.54 -15.27
N PRO A 52 -29.79 -2.45 -15.36
CA PRO A 52 -30.62 -2.45 -14.14
C PRO A 52 -30.46 -3.68 -13.26
N GLU A 53 -30.19 -4.86 -13.84
CA GLU A 53 -30.02 -6.04 -13.01
C GLU A 53 -28.73 -5.98 -12.19
N VAL A 54 -27.67 -5.41 -12.77
CA VAL A 54 -26.42 -5.24 -12.04
C VAL A 54 -26.56 -4.15 -10.97
N ARG A 55 -27.23 -3.05 -11.31
CA ARG A 55 -27.55 -2.04 -10.31
C ARG A 55 -28.29 -2.66 -9.13
N ALA A 56 -29.29 -3.48 -9.41
CA ALA A 56 -30.09 -4.06 -8.33
C ALA A 56 -29.28 -5.09 -7.52
N PHE A 57 -28.39 -5.83 -8.19
CA PHE A 57 -27.47 -6.72 -7.48
C PHE A 57 -26.64 -5.96 -6.46
N PHE A 58 -26.06 -4.84 -6.88
CA PHE A 58 -25.22 -4.06 -5.97
C PHE A 58 -26.04 -3.41 -4.86
N GLN A 59 -27.27 -2.98 -5.16
CA GLN A 59 -28.08 -2.35 -4.12
C GLN A 59 -28.52 -3.37 -3.08
N HIS A 60 -28.83 -4.59 -3.50
CA HIS A 60 -29.16 -5.65 -2.56
C HIS A 60 -27.97 -6.01 -1.69
N LEU A 61 -26.78 -6.12 -2.29
CA LEU A 61 -25.58 -6.35 -1.49
C LEU A 61 -25.37 -5.24 -0.46
N ALA A 62 -25.58 -3.98 -0.87
CA ALA A 62 -25.41 -2.86 0.05
C ALA A 62 -26.39 -2.97 1.23
N ALA A 63 -27.65 -3.30 0.95
CA ALA A 63 -28.63 -3.44 2.03
C ALA A 63 -28.26 -4.55 3.00
N GLU A 64 -27.77 -5.68 2.48
CA GLU A 64 -27.37 -6.78 3.37
C GLU A 64 -26.16 -6.40 4.20
N GLU A 65 -25.20 -5.68 3.61
CA GLU A 65 -24.05 -5.22 4.39
C GLU A 65 -24.47 -4.22 5.46
N LYS A 66 -25.49 -3.39 5.19
CA LYS A 66 -25.98 -2.49 6.22
C LYS A 66 -26.60 -3.26 7.39
N GLU A 67 -27.28 -4.36 7.08
CA GLU A 67 -27.77 -5.20 8.18
C GLU A 67 -26.61 -5.76 9.02
N HIS A 68 -25.52 -6.17 8.34
CA HIS A 68 -24.35 -6.63 9.08
C HIS A 68 -23.75 -5.53 9.94
N VAL A 69 -23.77 -4.29 9.45
CA VAL A 69 -23.26 -3.17 10.23
C VAL A 69 -24.07 -3.01 11.51
N SER A 70 -25.40 -3.12 11.41
CA SER A 70 -26.24 -3.06 12.61
C SER A 70 -25.85 -4.15 13.62
N GLU A 71 -25.66 -5.38 13.13
CA GLU A 71 -25.25 -6.45 14.02
C GLU A 71 -23.90 -6.17 14.66
N ALA A 72 -22.94 -5.64 13.88
CA ALA A 72 -21.63 -5.34 14.42
C ALA A 72 -21.69 -4.24 15.48
N VAL A 73 -22.54 -3.23 15.26
CA VAL A 73 -22.67 -2.16 16.25
C VAL A 73 -23.27 -2.72 17.53
N HIS A 74 -24.25 -3.62 17.41
CA HIS A 74 -24.81 -4.25 18.60
C HIS A 74 -23.75 -5.03 19.36
N MET A 75 -22.90 -5.78 18.64
CA MET A 75 -21.84 -6.54 19.29
C MET A 75 -20.86 -5.61 19.99
N LEU A 76 -20.45 -4.54 19.30
CA LEU A 76 -19.54 -3.57 19.89
C LEU A 76 -20.12 -2.99 21.17
N ARG A 77 -21.42 -2.65 21.14
CA ARG A 77 -22.06 -2.09 22.33
C ARG A 77 -22.07 -3.09 23.46
N MET A 78 -22.30 -4.37 23.13
CA MET A 78 -22.34 -5.39 24.17
C MET A 78 -20.96 -5.65 24.76
N LEU A 79 -19.89 -5.43 23.97
CA LEU A 79 -18.55 -5.66 24.49
C LEU A 79 -17.87 -4.42 25.05
N ASP A 80 -18.31 -3.22 24.68
CA ASP A 80 -17.63 -1.97 25.03
C ASP A 80 -18.64 -1.09 25.78
N SER A 81 -18.65 -1.21 27.11
CA SER A 81 -19.64 -0.48 27.91
C SER A 81 -19.49 1.03 27.74
N GLY A 82 -18.24 1.52 27.68
CA GLY A 82 -18.01 2.93 27.44
C GLY A 82 -18.58 3.41 26.13
N GLN A 83 -18.57 2.54 25.11
CA GLN A 83 -19.21 2.90 23.84
C GLN A 83 -20.72 2.86 23.97
N ASN A 84 -21.26 1.82 24.60
CA ASN A 84 -22.70 1.70 24.80
C ASN A 84 -23.25 2.91 25.54
N ASP A 85 -22.48 3.51 26.44
CA ASP A 85 -22.96 4.66 27.22
C ASP A 85 -23.47 5.80 26.35
N HIS A 86 -23.01 5.90 25.10
CA HIS A 86 -23.37 6.99 24.21
C HIS A 86 -24.56 6.68 23.31
N PHE A 87 -25.20 5.53 23.50
CA PHE A 87 -26.37 5.16 22.70
C PHE A 87 -27.66 5.18 23.54
N ASP B 21 -13.13 3.43 -16.37
CA ASP B 21 -12.42 2.49 -17.23
C ASP B 21 -12.84 1.05 -16.91
N LEU B 22 -13.91 0.91 -16.15
CA LEU B 22 -14.41 -0.38 -15.70
C LEU B 22 -15.80 -0.63 -16.26
N ASP B 23 -16.05 -1.86 -16.68
CA ASP B 23 -17.40 -2.27 -17.03
C ASP B 23 -18.01 -3.02 -15.85
N ASP B 24 -19.27 -3.42 -16.02
CA ASP B 24 -19.99 -4.10 -14.95
C ASP B 24 -19.31 -5.41 -14.58
N VAL B 25 -18.78 -6.14 -15.56
CA VAL B 25 -18.18 -7.43 -15.25
C VAL B 25 -16.92 -7.25 -14.40
N ALA B 26 -16.12 -6.22 -14.71
CA ALA B 26 -14.93 -5.96 -13.91
C ALA B 26 -15.30 -5.59 -12.47
N ARG B 27 -16.39 -4.83 -12.30
CA ARG B 27 -16.84 -4.49 -10.95
C ARG B 27 -17.34 -5.72 -10.20
N ILE B 28 -18.02 -6.65 -10.90
CA ILE B 28 -18.40 -7.91 -10.28
C ILE B 28 -17.17 -8.69 -9.84
N ARG B 29 -16.15 -8.77 -10.70
CA ARG B 29 -14.93 -9.48 -10.30
C ARG B 29 -14.27 -8.85 -9.08
N LEU B 30 -14.26 -7.51 -9.01
CA LEU B 30 -13.68 -6.84 -7.85
C LEU B 30 -14.47 -7.12 -6.58
N VAL B 31 -15.81 -7.15 -6.67
CA VAL B 31 -16.63 -7.43 -5.49
C VAL B 31 -16.40 -8.86 -5.02
N LEU B 32 -16.34 -9.81 -5.95
CA LEU B 32 -16.08 -11.20 -5.60
C LEU B 32 -14.71 -11.35 -4.93
N ALA B 33 -13.67 -10.71 -5.49
CA ALA B 33 -12.35 -10.78 -4.88
C ALA B 33 -12.35 -10.21 -3.46
N ARG B 34 -13.05 -9.07 -3.26
CA ARG B 34 -13.13 -8.49 -1.93
C ARG B 34 -13.87 -9.41 -0.97
N GLU B 35 -14.98 -10.01 -1.41
CA GLU B 35 -15.74 -10.91 -0.53
C GLU B 35 -14.89 -12.10 -0.10
N LEU B 36 -14.07 -12.63 -1.01
CA LEU B 36 -13.20 -13.75 -0.66
C LEU B 36 -12.20 -13.36 0.42
N GLU B 37 -11.56 -12.19 0.27
CA GLU B 37 -10.69 -11.70 1.34
C GLU B 37 -11.45 -11.48 2.65
N THR B 38 -12.68 -10.99 2.55
CA THR B 38 -13.48 -10.76 3.75
C THR B 38 -13.75 -12.08 4.49
N ILE B 39 -14.09 -13.14 3.76
CA ILE B 39 -14.28 -14.45 4.39
C ILE B 39 -13.01 -14.85 5.13
N ASN B 40 -11.86 -14.72 4.47
CA ASN B 40 -10.61 -15.06 5.15
C ASN B 40 -10.49 -14.31 6.48
N GLU B 41 -10.80 -13.01 6.47
CA GLU B 41 -10.67 -12.24 7.70
C GLU B 41 -11.65 -12.71 8.78
N TYR B 42 -12.90 -13.00 8.38
CA TYR B 42 -13.90 -13.43 9.36
C TYR B 42 -13.51 -14.78 9.98
N GLU B 43 -13.02 -15.72 9.16
CA GLU B 43 -12.63 -17.02 9.70
C GLU B 43 -11.41 -16.90 10.59
N ALA B 44 -10.45 -16.05 10.21
CA ALA B 44 -9.29 -15.83 11.08
C ALA B 44 -9.71 -15.21 12.40
N TYR B 45 -10.62 -14.24 12.36
CA TYR B 45 -11.08 -13.60 13.59
C TYR B 45 -11.87 -14.58 14.46
N ALA B 46 -12.66 -15.46 13.83
CA ALA B 46 -13.36 -16.47 14.61
C ALA B 46 -12.36 -17.38 15.33
N ARG B 47 -11.30 -17.77 14.63
CA ARG B 47 -10.28 -18.61 15.23
C ARG B 47 -9.55 -17.91 16.37
N ALA B 48 -9.34 -16.60 16.24
CA ALA B 48 -8.59 -15.85 17.25
C ALA B 48 -9.41 -15.44 18.46
N SER B 49 -10.74 -15.56 18.41
CA SER B 49 -11.59 -14.94 19.42
C SER B 49 -11.70 -15.80 20.66
N SER B 50 -11.86 -15.14 21.82
CA SER B 50 -11.99 -15.85 23.08
C SER B 50 -13.43 -15.99 23.55
N ASN B 51 -14.20 -14.92 23.49
CA ASN B 51 -15.60 -15.02 23.86
C ASN B 51 -16.33 -15.91 22.85
N PRO B 52 -16.97 -17.00 23.27
CA PRO B 52 -17.64 -17.89 22.30
C PRO B 52 -18.73 -17.18 21.54
N GLU B 53 -19.24 -16.08 22.08
CA GLU B 53 -20.36 -15.47 21.41
C GLU B 53 -19.82 -14.58 20.28
N VAL B 54 -18.62 -14.05 20.48
CA VAL B 54 -17.91 -13.31 19.44
C VAL B 54 -17.41 -14.26 18.34
N ARG B 55 -16.85 -15.39 18.74
CA ARG B 55 -16.49 -16.44 17.79
C ARG B 55 -17.67 -16.79 16.89
N ALA B 56 -18.85 -16.98 17.50
CA ALA B 56 -20.02 -17.36 16.71
C ALA B 56 -20.47 -16.22 15.80
N PHE B 57 -20.35 -14.97 16.26
CA PHE B 57 -20.66 -13.82 15.41
C PHE B 57 -19.80 -13.83 14.15
N PHE B 58 -18.50 -14.07 14.31
CA PHE B 58 -17.62 -14.11 13.13
C PHE B 58 -17.94 -15.30 12.22
N GLN B 59 -18.27 -16.46 12.81
CA GLN B 59 -18.67 -17.61 11.98
C GLN B 59 -19.95 -17.34 11.21
N HIS B 60 -20.92 -16.69 11.86
CA HIS B 60 -22.15 -16.25 11.21
C HIS B 60 -21.85 -15.35 10.01
N LEU B 61 -21.00 -14.33 10.23
CA LEU B 61 -20.63 -13.42 9.15
C LEU B 61 -19.93 -14.16 8.02
N ALA B 62 -19.06 -15.11 8.34
CA ALA B 62 -18.37 -15.87 7.30
C ALA B 62 -19.36 -16.69 6.46
N ALA B 63 -20.32 -17.35 7.11
CA ALA B 63 -21.29 -18.16 6.36
C ALA B 63 -22.12 -17.29 5.42
N GLU B 64 -22.51 -16.09 5.88
CA GLU B 64 -23.32 -15.24 5.00
C GLU B 64 -22.48 -14.60 3.88
N GLU B 65 -21.19 -14.34 4.14
CA GLU B 65 -20.34 -13.87 3.06
C GLU B 65 -20.10 -14.96 2.01
N LYS B 66 -19.98 -16.21 2.44
CA LYS B 66 -19.88 -17.31 1.49
C LYS B 66 -21.12 -17.39 0.59
N GLU B 67 -22.30 -17.16 1.18
CA GLU B 67 -23.50 -17.10 0.34
C GLU B 67 -23.42 -15.96 -0.68
N HIS B 68 -22.90 -14.80 -0.27
CA HIS B 68 -22.72 -13.72 -1.24
C HIS B 68 -21.77 -14.12 -2.35
N VAL B 69 -20.72 -14.86 -2.02
CA VAL B 69 -19.78 -15.32 -3.03
C VAL B 69 -20.50 -16.20 -4.06
N SER B 70 -21.35 -17.11 -3.59
CA SER B 70 -22.12 -17.94 -4.53
C SER B 70 -22.97 -17.07 -5.45
N GLU B 71 -23.64 -16.07 -4.88
CA GLU B 71 -24.48 -15.17 -5.68
C GLU B 71 -23.65 -14.40 -6.71
N ALA B 72 -22.44 -13.97 -6.33
CA ALA B 72 -21.62 -13.18 -7.25
C ALA B 72 -21.00 -14.05 -8.35
N VAL B 73 -20.66 -15.30 -8.04
CA VAL B 73 -20.22 -16.22 -9.08
C VAL B 73 -21.33 -16.43 -10.09
N HIS B 74 -22.58 -16.58 -9.61
CA HIS B 74 -23.69 -16.71 -10.54
C HIS B 74 -23.86 -15.47 -11.41
N MET B 75 -23.76 -14.28 -10.81
CA MET B 75 -23.84 -13.04 -11.58
C MET B 75 -22.73 -12.96 -12.64
N LEU B 76 -21.51 -13.33 -12.26
CA LEU B 76 -20.39 -13.25 -13.20
C LEU B 76 -20.60 -14.20 -14.36
N ARG B 77 -21.08 -15.42 -14.07
CA ARG B 77 -21.35 -16.38 -15.12
C ARG B 77 -22.47 -15.90 -16.03
N MET B 78 -23.43 -15.15 -15.48
CA MET B 78 -24.49 -14.60 -16.31
C MET B 78 -24.00 -13.45 -17.19
N LEU B 79 -22.96 -12.72 -16.77
CA LEU B 79 -22.48 -11.58 -17.55
C LEU B 79 -21.27 -11.89 -18.43
N ASP B 80 -20.56 -12.98 -18.16
CA ASP B 80 -19.31 -13.34 -18.84
C ASP B 80 -19.50 -14.75 -19.39
N SER B 81 -19.90 -14.84 -20.66
CA SER B 81 -20.14 -16.15 -21.26
C SER B 81 -18.85 -16.97 -21.35
N GLY B 82 -17.71 -16.31 -21.56
CA GLY B 82 -16.44 -17.02 -21.53
C GLY B 82 -16.17 -17.66 -20.18
N GLN B 83 -16.54 -16.98 -19.10
CA GLN B 83 -16.38 -17.57 -17.77
C GLN B 83 -17.36 -18.72 -17.58
N ASN B 84 -18.61 -18.52 -18.01
CA ASN B 84 -19.61 -19.56 -17.85
C ASN B 84 -19.21 -20.84 -18.59
N ASP B 85 -18.50 -20.70 -19.71
CA ASP B 85 -18.08 -21.87 -20.49
C ASP B 85 -17.33 -22.89 -19.63
N HIS B 86 -16.57 -22.43 -18.64
CA HIS B 86 -15.75 -23.33 -17.83
C HIS B 86 -16.49 -23.91 -16.63
N PHE B 87 -17.80 -23.70 -16.53
CA PHE B 87 -18.57 -24.27 -15.42
C PHE B 87 -19.52 -25.36 -15.89
N ASP C 21 -0.37 6.60 -20.04
CA ASP C 21 0.84 6.79 -20.83
C ASP C 21 1.65 5.50 -20.85
N LEU C 22 1.03 4.43 -21.34
CA LEU C 22 1.67 3.13 -21.41
C LEU C 22 1.55 2.64 -22.85
N ASP C 23 2.62 2.04 -23.37
CA ASP C 23 2.57 1.42 -24.69
C ASP C 23 2.49 -0.09 -24.55
N ASP C 24 2.38 -0.79 -25.70
CA ASP C 24 2.20 -2.23 -25.68
C ASP C 24 3.34 -2.93 -24.94
N VAL C 25 4.58 -2.50 -25.17
CA VAL C 25 5.70 -3.21 -24.55
C VAL C 25 5.66 -3.05 -23.04
N ALA C 26 5.20 -1.88 -22.56
CA ALA C 26 5.09 -1.67 -21.12
C ALA C 26 4.02 -2.57 -20.51
N ARG C 27 2.90 -2.76 -21.22
CA ARG C 27 1.87 -3.65 -20.71
C ARG C 27 2.36 -5.10 -20.69
N ILE C 28 3.15 -5.50 -21.69
CA ILE C 28 3.75 -6.84 -21.68
C ILE C 28 4.66 -7.01 -20.46
N ARG C 29 5.51 -6.01 -20.21
CA ARG C 29 6.40 -6.08 -19.05
C ARG C 29 5.59 -6.19 -17.75
N LEU C 30 4.49 -5.43 -17.65
CA LEU C 30 3.68 -5.47 -16.44
C LEU C 30 3.05 -6.84 -16.24
N VAL C 31 2.52 -7.44 -17.32
CA VAL C 31 1.93 -8.77 -17.21
C VAL C 31 2.98 -9.81 -16.84
N LEU C 32 4.17 -9.73 -17.45
CA LEU C 32 5.24 -10.67 -17.12
C LEU C 32 5.63 -10.57 -15.64
N ALA C 33 5.79 -9.34 -15.14
CA ALA C 33 6.14 -9.15 -13.72
C ALA C 33 5.05 -9.73 -12.80
N ARG C 34 3.78 -9.49 -13.16
CA ARG C 34 2.70 -10.04 -12.35
C ARG C 34 2.69 -11.57 -12.38
N GLU C 35 2.94 -12.16 -13.55
CA GLU C 35 2.99 -13.62 -13.63
C GLU C 35 4.11 -14.19 -12.77
N LEU C 36 5.28 -13.51 -12.76
CA LEU C 36 6.38 -14.00 -11.93
C LEU C 36 6.00 -13.99 -10.45
N GLU C 37 5.35 -12.92 -9.99
CA GLU C 37 4.90 -12.92 -8.59
C GLU C 37 3.83 -13.97 -8.35
N THR C 38 2.97 -14.21 -9.34
CA THR C 38 1.93 -15.24 -9.20
C THR C 38 2.56 -16.62 -9.03
N ILE C 39 3.60 -16.91 -9.81
CA ILE C 39 4.28 -18.20 -9.66
C ILE C 39 4.87 -18.33 -8.26
N ASN C 40 5.50 -17.26 -7.77
CA ASN C 40 6.01 -17.27 -6.40
C ASN C 40 4.90 -17.64 -5.41
N GLU C 41 3.72 -17.03 -5.58
CA GLU C 41 2.63 -17.31 -4.65
C GLU C 41 2.17 -18.76 -4.75
N TYR C 42 1.99 -19.26 -5.97
CA TYR C 42 1.56 -20.64 -6.16
C TYR C 42 2.54 -21.63 -5.54
N GLU C 43 3.84 -21.41 -5.74
CA GLU C 43 4.83 -22.32 -5.18
C GLU C 43 4.88 -22.25 -3.66
N ALA C 44 4.78 -21.04 -3.10
CA ALA C 44 4.78 -20.92 -1.64
C ALA C 44 3.54 -21.57 -1.03
N TYR C 45 2.39 -21.43 -1.70
CA TYR C 45 1.17 -22.06 -1.20
C TYR C 45 1.23 -23.57 -1.34
N ALA C 46 1.90 -24.08 -2.38
CA ALA C 46 2.11 -25.52 -2.48
C ALA C 46 2.98 -26.02 -1.33
N ARG C 47 4.06 -25.29 -1.03
CA ARG C 47 4.93 -25.66 0.10
C ARG C 47 4.17 -25.63 1.42
N ALA C 48 3.32 -24.62 1.63
CA ALA C 48 2.64 -24.45 2.91
C ALA C 48 1.48 -25.41 3.12
N SER C 49 1.09 -26.18 2.11
CA SER C 49 -0.06 -27.06 2.19
C SER C 49 0.33 -28.43 2.72
N SER C 50 -0.53 -28.99 3.59
CA SER C 50 -0.39 -30.35 4.05
C SER C 50 -1.27 -31.34 3.30
N ASN C 51 -2.42 -30.88 2.79
CA ASN C 51 -3.28 -31.75 1.99
C ASN C 51 -2.63 -31.98 0.64
N PRO C 52 -2.35 -33.23 0.25
CA PRO C 52 -1.66 -33.46 -1.02
C PRO C 52 -2.45 -33.00 -2.23
N GLU C 53 -3.78 -33.04 -2.17
CA GLU C 53 -4.57 -32.61 -3.32
C GLU C 53 -4.41 -31.11 -3.55
N VAL C 54 -4.41 -30.33 -2.46
CA VAL C 54 -4.22 -28.89 -2.54
C VAL C 54 -2.82 -28.55 -3.03
N ARG C 55 -1.81 -29.25 -2.48
CA ARG C 55 -0.44 -29.03 -2.92
C ARG C 55 -0.29 -29.30 -4.41
N ALA C 56 -0.86 -30.41 -4.89
CA ALA C 56 -0.79 -30.72 -6.32
C ALA C 56 -1.53 -29.67 -7.15
N PHE C 57 -2.66 -29.17 -6.63
CA PHE C 57 -3.40 -28.11 -7.31
C PHE C 57 -2.52 -26.87 -7.52
N PHE C 58 -1.84 -26.43 -6.46
CA PHE C 58 -0.99 -25.25 -6.55
C PHE C 58 0.23 -25.50 -7.44
N GLN C 59 0.80 -26.70 -7.40
CA GLN C 59 1.90 -27.01 -8.31
C GLN C 59 1.46 -26.98 -9.77
N HIS C 60 0.24 -27.46 -10.04
CA HIS C 60 -0.31 -27.43 -11.39
C HIS C 60 -0.50 -25.99 -11.86
N LEU C 61 -1.09 -25.16 -11.00
CA LEU C 61 -1.24 -23.73 -11.33
C LEU C 61 0.12 -23.10 -11.63
N ALA C 62 1.14 -23.42 -10.83
CA ALA C 62 2.47 -22.87 -11.07
C ALA C 62 3.03 -23.29 -12.43
N ALA C 63 2.85 -24.55 -12.79
CA ALA C 63 3.35 -25.01 -14.09
C ALA C 63 2.68 -24.25 -15.24
N GLU C 64 1.37 -24.05 -15.16
CA GLU C 64 0.67 -23.34 -16.23
C GLU C 64 1.07 -21.87 -16.30
N GLU C 65 1.27 -21.24 -15.14
CA GLU C 65 1.77 -19.86 -15.12
C GLU C 65 3.16 -19.76 -15.73
N LYS C 66 4.02 -20.75 -15.49
CA LYS C 66 5.34 -20.75 -16.10
C LYS C 66 5.27 -20.79 -17.63
N GLU C 67 4.30 -21.54 -18.16
CA GLU C 67 4.08 -21.48 -19.61
C GLU C 67 3.68 -20.08 -20.06
N HIS C 68 2.81 -19.42 -19.29
CA HIS C 68 2.48 -18.03 -19.59
C HIS C 68 3.72 -17.14 -19.62
N VAL C 69 4.64 -17.35 -18.67
CA VAL C 69 5.87 -16.56 -18.64
C VAL C 69 6.68 -16.75 -19.92
N SER C 70 6.80 -17.99 -20.39
CA SER C 70 7.53 -18.23 -21.64
C SER C 70 6.92 -17.45 -22.79
N GLU C 71 5.59 -17.51 -22.91
CA GLU C 71 4.91 -16.76 -23.96
C GLU C 71 5.17 -15.26 -23.85
N ALA C 72 5.10 -14.71 -22.64
CA ALA C 72 5.28 -13.28 -22.48
C ALA C 72 6.70 -12.85 -22.82
N VAL C 73 7.69 -13.64 -22.40
CA VAL C 73 9.08 -13.28 -22.69
C VAL C 73 9.29 -13.30 -24.19
N HIS C 74 8.64 -14.22 -24.89
CA HIS C 74 8.73 -14.23 -26.34
C HIS C 74 8.13 -12.96 -26.94
N MET C 75 6.95 -12.56 -26.47
CA MET C 75 6.32 -11.33 -26.97
C MET C 75 7.21 -10.12 -26.68
N LEU C 76 7.78 -10.05 -25.47
CA LEU C 76 8.70 -8.97 -25.11
C LEU C 76 9.88 -8.91 -26.07
N ARG C 77 10.50 -10.06 -26.34
CA ARG C 77 11.63 -10.07 -27.26
C ARG C 77 11.22 -9.58 -28.65
N MET C 78 10.02 -9.96 -29.11
CA MET C 78 9.59 -9.48 -30.42
C MET C 78 9.29 -7.99 -30.45
N LEU C 79 8.79 -7.42 -29.34
CA LEU C 79 8.44 -6.01 -29.33
C LEU C 79 9.59 -5.08 -28.95
N ASP C 80 10.62 -5.58 -28.28
CA ASP C 80 11.71 -4.74 -27.77
C ASP C 80 13.04 -5.23 -28.33
N SER C 81 13.50 -4.56 -29.39
CA SER C 81 14.77 -4.92 -30.02
C SER C 81 15.94 -4.77 -29.06
N GLY C 82 15.89 -3.79 -28.15
CA GLY C 82 16.93 -3.66 -27.15
C GLY C 82 16.97 -4.82 -26.19
N GLN C 83 15.82 -5.44 -25.93
CA GLN C 83 15.78 -6.64 -25.09
C GLN C 83 16.14 -7.87 -25.90
N ASN C 84 15.68 -7.95 -27.16
CA ASN C 84 16.03 -9.07 -28.02
C ASN C 84 17.54 -9.22 -28.14
N ASP C 85 18.26 -8.11 -28.28
CA ASP C 85 19.72 -8.10 -28.36
C ASP C 85 20.40 -8.39 -27.02
N HIS C 86 19.63 -8.71 -25.99
CA HIS C 86 20.13 -9.00 -24.65
C HIS C 86 21.04 -7.90 -24.11
N LEU D 22 -3.44 -19.20 8.68
CA LEU D 22 -3.89 -19.28 7.29
C LEU D 22 -3.94 -20.76 6.87
N ASP D 23 -5.11 -21.25 6.46
CA ASP D 23 -5.29 -22.65 6.09
C ASP D 23 -5.41 -22.79 4.58
N ASP D 24 -5.66 -24.03 4.14
CA ASP D 24 -5.68 -24.31 2.71
C ASP D 24 -6.81 -23.57 2.02
N VAL D 25 -8.00 -23.56 2.61
CA VAL D 25 -9.14 -22.87 2.00
C VAL D 25 -8.86 -21.38 1.86
N ALA D 26 -8.20 -20.77 2.86
CA ALA D 26 -7.90 -19.34 2.75
C ALA D 26 -6.90 -19.07 1.64
N ARG D 27 -5.91 -19.96 1.44
CA ARG D 27 -4.97 -19.76 0.35
C ARG D 27 -5.64 -19.90 -1.01
N ILE D 28 -6.58 -20.84 -1.12
CA ILE D 28 -7.35 -20.97 -2.36
C ILE D 28 -8.15 -19.70 -2.62
N ARG D 29 -8.78 -19.15 -1.57
CA ARG D 29 -9.52 -17.89 -1.75
C ARG D 29 -8.61 -16.76 -2.21
N LEU D 30 -7.40 -16.67 -1.65
CA LEU D 30 -6.46 -15.63 -2.07
C LEU D 30 -6.09 -15.77 -3.55
N VAL D 31 -5.83 -17.01 -3.97
CA VAL D 31 -5.49 -17.27 -5.38
C VAL D 31 -6.65 -16.88 -6.29
N LEU D 32 -7.88 -17.27 -5.92
CA LEU D 32 -9.05 -16.91 -6.72
C LEU D 32 -9.23 -15.40 -6.82
N ALA D 33 -9.08 -14.68 -5.71
CA ALA D 33 -9.23 -13.23 -5.74
C ALA D 33 -8.17 -12.59 -6.64
N ARG D 34 -6.94 -13.10 -6.57
CA ARG D 34 -5.87 -12.59 -7.43
C ARG D 34 -6.17 -12.88 -8.90
N GLU D 35 -6.63 -14.08 -9.21
CA GLU D 35 -6.96 -14.45 -10.58
C GLU D 35 -8.05 -13.54 -11.16
N LEU D 36 -9.06 -13.21 -10.34
CA LEU D 36 -10.11 -12.30 -10.81
C LEU D 36 -9.55 -10.91 -11.14
N GLU D 37 -8.70 -10.38 -10.25
CA GLU D 37 -8.05 -9.11 -10.57
C GLU D 37 -7.19 -9.22 -11.83
N THR D 38 -6.52 -10.36 -12.03
CA THR D 38 -5.69 -10.52 -13.22
C THR D 38 -6.52 -10.49 -14.49
N ILE D 39 -7.69 -11.14 -14.48
CA ILE D 39 -8.58 -11.07 -15.65
C ILE D 39 -8.95 -9.62 -15.94
N ASN D 40 -9.29 -8.85 -14.90
CA ASN D 40 -9.59 -7.42 -15.14
C ASN D 40 -8.41 -6.75 -15.85
N GLU D 41 -7.20 -7.01 -15.37
CA GLU D 41 -6.01 -6.37 -15.95
C GLU D 41 -5.83 -6.76 -17.41
N TYR D 42 -5.99 -8.06 -17.72
CA TYR D 42 -5.78 -8.55 -19.08
C TYR D 42 -6.80 -7.96 -20.04
N GLU D 43 -8.06 -7.89 -19.62
CA GLU D 43 -9.09 -7.28 -20.46
C GLU D 43 -8.82 -5.80 -20.68
N ALA D 44 -8.40 -5.09 -19.64
CA ALA D 44 -8.06 -3.67 -19.81
C ALA D 44 -6.90 -3.50 -20.79
N TYR D 45 -5.86 -4.31 -20.63
CA TYR D 45 -4.70 -4.20 -21.52
C TYR D 45 -5.06 -4.57 -22.95
N ALA D 46 -5.98 -5.53 -23.13
CA ALA D 46 -6.43 -5.87 -24.47
C ALA D 46 -7.19 -4.72 -25.10
N ARG D 47 -8.04 -4.04 -24.31
CA ARG D 47 -8.71 -2.86 -24.83
C ARG D 47 -7.72 -1.77 -25.22
N ALA D 48 -6.68 -1.56 -24.40
CA ALA D 48 -5.75 -0.45 -24.58
C ALA D 48 -4.71 -0.71 -25.67
N SER D 49 -4.54 -1.94 -26.14
CA SER D 49 -3.38 -2.24 -26.96
C SER D 49 -3.55 -1.76 -28.40
N SER D 50 -2.41 -1.39 -29.03
CA SER D 50 -2.42 -0.94 -30.42
C SER D 50 -2.20 -2.10 -31.40
N ASN D 51 -1.18 -2.92 -31.16
CA ASN D 51 -0.85 -4.02 -32.05
C ASN D 51 -1.91 -5.13 -31.97
N PRO D 52 -2.50 -5.55 -33.09
CA PRO D 52 -3.49 -6.64 -33.06
C PRO D 52 -3.01 -7.93 -32.39
N GLU D 53 -1.76 -8.33 -32.64
CA GLU D 53 -1.24 -9.54 -32.00
C GLU D 53 -1.16 -9.37 -30.49
N VAL D 54 -0.85 -8.17 -30.02
CA VAL D 54 -0.78 -7.94 -28.58
C VAL D 54 -2.19 -8.01 -27.97
N ARG D 55 -3.17 -7.39 -28.63
CA ARG D 55 -4.56 -7.49 -28.19
C ARG D 55 -4.97 -8.94 -28.05
N ALA D 56 -4.66 -9.75 -29.09
CA ALA D 56 -5.01 -11.17 -29.06
C ALA D 56 -4.25 -11.92 -27.98
N PHE D 57 -2.98 -11.56 -27.75
CA PHE D 57 -2.21 -12.15 -26.66
C PHE D 57 -2.92 -11.95 -25.32
N PHE D 58 -3.34 -10.71 -25.05
CA PHE D 58 -3.99 -10.43 -23.76
C PHE D 58 -5.35 -11.11 -23.65
N GLN D 59 -6.11 -11.17 -24.75
CA GLN D 59 -7.41 -11.86 -24.70
C GLN D 59 -7.24 -13.36 -24.46
N HIS D 60 -6.20 -13.95 -25.05
CA HIS D 60 -5.92 -15.36 -24.79
C HIS D 60 -5.51 -15.58 -23.34
N LEU D 61 -4.69 -14.68 -22.78
CA LEU D 61 -4.35 -14.80 -21.37
C LEU D 61 -5.59 -14.71 -20.49
N ALA D 62 -6.50 -13.78 -20.83
CA ALA D 62 -7.74 -13.66 -20.06
C ALA D 62 -8.55 -14.96 -20.11
N ALA D 63 -8.64 -15.60 -21.28
CA ALA D 63 -9.39 -16.84 -21.38
C ALA D 63 -8.78 -17.94 -20.50
N GLU D 64 -7.45 -18.08 -20.56
CA GLU D 64 -6.80 -19.07 -19.71
C GLU D 64 -7.01 -18.78 -18.22
N GLU D 65 -7.01 -17.49 -17.85
CA GLU D 65 -7.24 -17.15 -16.46
C GLU D 65 -8.66 -17.47 -16.03
N LYS D 66 -9.64 -17.31 -16.93
CA LYS D 66 -11.01 -17.70 -16.60
C LYS D 66 -11.08 -19.20 -16.31
N GLU D 67 -10.31 -20.00 -17.07
CA GLU D 67 -10.22 -21.42 -16.75
C GLU D 67 -9.65 -21.63 -15.34
N HIS D 68 -8.60 -20.88 -15.00
CA HIS D 68 -8.04 -21.00 -13.66
C HIS D 68 -9.06 -20.64 -12.58
N VAL D 69 -9.87 -19.61 -12.84
CA VAL D 69 -10.91 -19.21 -11.90
C VAL D 69 -11.88 -20.36 -11.67
N SER D 70 -12.32 -21.02 -12.75
CA SER D 70 -13.24 -22.14 -12.62
C SER D 70 -12.65 -23.25 -11.76
N GLU D 71 -11.38 -23.60 -12.02
CA GLU D 71 -10.71 -24.62 -11.21
C GLU D 71 -10.70 -24.24 -9.74
N ALA D 72 -10.35 -22.99 -9.43
CA ALA D 72 -10.26 -22.58 -8.03
C ALA D 72 -11.62 -22.60 -7.35
N VAL D 73 -12.67 -22.21 -8.07
CA VAL D 73 -14.03 -22.28 -7.51
C VAL D 73 -14.40 -23.74 -7.22
N HIS D 74 -14.10 -24.63 -8.16
CA HIS D 74 -14.37 -26.05 -7.92
C HIS D 74 -13.65 -26.56 -6.68
N MET D 75 -12.34 -26.27 -6.57
CA MET D 75 -11.58 -26.69 -5.39
C MET D 75 -12.20 -26.14 -4.12
N LEU D 76 -12.59 -24.88 -4.15
CA LEU D 76 -13.09 -24.23 -2.95
C LEU D 76 -14.42 -24.85 -2.53
N ARG D 77 -15.28 -25.17 -3.51
CA ARG D 77 -16.56 -25.81 -3.19
C ARG D 77 -16.34 -27.20 -2.63
N MET D 78 -15.33 -27.91 -3.15
CA MET D 78 -15.10 -29.27 -2.67
C MET D 78 -14.49 -29.29 -1.27
N LEU D 79 -13.72 -28.27 -0.91
CA LEU D 79 -13.03 -28.30 0.36
C LEU D 79 -13.71 -27.49 1.45
N ASP D 80 -14.79 -26.78 1.15
CA ASP D 80 -15.41 -25.91 2.14
C ASP D 80 -16.93 -25.97 2.03
N LEU E 22 10.24 -18.78 0.73
CA LEU E 22 10.92 -17.95 -0.26
C LEU E 22 12.31 -18.53 -0.52
N ASP E 23 12.49 -19.17 -1.67
CA ASP E 23 13.75 -19.81 -1.99
C ASP E 23 14.52 -18.94 -2.98
N ASP E 24 15.61 -19.51 -3.53
CA ASP E 24 16.46 -18.78 -4.47
C ASP E 24 15.71 -18.43 -5.74
N VAL E 25 15.00 -19.40 -6.33
CA VAL E 25 14.25 -19.12 -7.54
C VAL E 25 13.19 -18.05 -7.29
N ALA E 26 12.58 -18.03 -6.10
CA ALA E 26 11.60 -16.98 -5.79
C ALA E 26 12.25 -15.60 -5.75
N ARG E 27 13.46 -15.50 -5.20
CA ARG E 27 14.14 -14.21 -5.15
C ARG E 27 14.58 -13.76 -6.55
N ILE E 28 14.95 -14.72 -7.40
CA ILE E 28 15.27 -14.40 -8.79
C ILE E 28 14.04 -13.85 -9.50
N ARG E 29 12.90 -14.51 -9.30
CA ARG E 29 11.67 -14.01 -9.94
C ARG E 29 11.33 -12.60 -9.45
N LEU E 30 11.50 -12.35 -8.15
CA LEU E 30 11.19 -11.03 -7.60
C LEU E 30 12.10 -9.96 -8.22
N VAL E 31 13.39 -10.25 -8.33
CA VAL E 31 14.32 -9.32 -8.95
C VAL E 31 13.95 -9.05 -10.41
N LEU E 32 13.60 -10.12 -11.15
CA LEU E 32 13.18 -9.95 -12.54
C LEU E 32 11.94 -9.07 -12.66
N ALA E 33 10.94 -9.32 -11.81
CA ALA E 33 9.73 -8.51 -11.84
C ALA E 33 10.04 -7.04 -11.58
N ARG E 34 10.92 -6.79 -10.59
CA ARG E 34 11.28 -5.41 -10.27
C ARG E 34 12.03 -4.74 -11.42
N GLU E 35 12.94 -5.46 -12.08
CA GLU E 35 13.68 -4.91 -13.21
C GLU E 35 12.75 -4.54 -14.36
N LEU E 36 11.75 -5.38 -14.63
CA LEU E 36 10.79 -5.06 -15.70
C LEU E 36 10.02 -3.78 -15.39
N GLU E 37 9.56 -3.64 -14.15
CA GLU E 37 8.90 -2.38 -13.76
C GLU E 37 9.85 -1.19 -13.88
N THR E 38 11.12 -1.39 -13.51
CA THR E 38 12.11 -0.31 -13.58
C THR E 38 12.32 0.15 -15.01
N ILE E 39 12.38 -0.79 -15.95
CA ILE E 39 12.51 -0.41 -17.36
C ILE E 39 11.32 0.43 -17.78
N ASN E 40 10.10 -0.01 -17.39
CA ASN E 40 8.92 0.80 -17.70
C ASN E 40 9.08 2.22 -17.21
N GLU E 41 9.55 2.37 -15.96
CA GLU E 41 9.72 3.70 -15.38
C GLU E 41 10.73 4.52 -16.16
N TYR E 42 11.86 3.91 -16.53
CA TYR E 42 12.89 4.63 -17.27
C TYR E 42 12.38 5.12 -18.62
N GLU E 43 11.63 4.27 -19.33
CA GLU E 43 11.09 4.67 -20.63
C GLU E 43 10.07 5.78 -20.47
N ALA E 44 9.19 5.67 -19.47
CA ALA E 44 8.20 6.73 -19.24
C ALA E 44 8.89 8.05 -18.89
N TYR E 45 9.94 7.99 -18.06
CA TYR E 45 10.60 9.22 -17.65
C TYR E 45 11.39 9.84 -18.79
N ALA E 46 11.98 9.02 -19.65
CA ALA E 46 12.63 9.55 -20.86
C ALA E 46 11.60 10.23 -21.76
N ARG E 47 10.44 9.61 -21.94
CA ARG E 47 9.39 10.20 -22.77
C ARG E 47 8.91 11.52 -22.21
N ALA E 48 8.84 11.65 -20.89
CA ALA E 48 8.32 12.89 -20.31
C ALA E 48 9.31 14.06 -20.41
N SER E 49 10.57 13.82 -20.75
CA SER E 49 11.58 14.87 -20.75
C SER E 49 11.80 15.43 -22.15
N SER E 50 11.98 16.75 -22.23
CA SER E 50 12.48 17.38 -23.46
C SER E 50 13.97 17.71 -23.39
N ASN E 51 14.63 17.34 -22.29
CA ASN E 51 16.05 17.57 -22.13
C ASN E 51 16.83 16.42 -22.76
N PRO E 52 17.66 16.66 -23.77
CA PRO E 52 18.37 15.55 -24.42
C PRO E 52 19.27 14.78 -23.48
N GLU E 53 19.87 15.45 -22.50
CA GLU E 53 20.78 14.77 -21.58
C GLU E 53 20.02 13.83 -20.65
N VAL E 54 18.85 14.27 -20.18
CA VAL E 54 18.01 13.41 -19.34
C VAL E 54 17.51 12.22 -20.14
N ARG E 55 17.11 12.44 -21.39
CA ARG E 55 16.64 11.33 -22.19
C ARG E 55 17.77 10.33 -22.46
N ALA E 56 18.99 10.83 -22.69
CA ALA E 56 20.12 9.93 -22.89
C ALA E 56 20.44 9.15 -21.61
N PHE E 57 20.40 9.82 -20.46
CA PHE E 57 20.57 9.17 -19.17
C PHE E 57 19.59 8.01 -19.00
N PHE E 58 18.31 8.27 -19.28
CA PHE E 58 17.30 7.22 -19.07
C PHE E 58 17.41 6.12 -20.11
N GLN E 59 17.80 6.44 -21.34
CA GLN E 59 17.96 5.37 -22.34
C GLN E 59 19.14 4.47 -21.98
N HIS E 60 20.23 5.05 -21.48
CA HIS E 60 21.37 4.25 -21.03
C HIS E 60 20.98 3.36 -19.85
N LEU E 61 20.25 3.93 -18.88
CA LEU E 61 19.80 3.12 -17.73
C LEU E 61 18.90 1.99 -18.19
N ALA E 62 17.96 2.27 -19.09
CA ALA E 62 17.06 1.24 -19.59
C ALA E 62 17.83 0.12 -20.32
N ALA E 63 18.85 0.48 -21.09
CA ALA E 63 19.65 -0.56 -21.76
C ALA E 63 20.36 -1.46 -20.74
N GLU E 64 20.91 -0.85 -19.68
CA GLU E 64 21.63 -1.64 -18.64
C GLU E 64 20.63 -2.52 -17.89
N GLU E 65 19.41 -2.02 -17.67
CA GLU E 65 18.38 -2.81 -17.02
C GLU E 65 17.93 -3.99 -17.89
N LYS E 66 17.83 -3.79 -19.20
CA LYS E 66 17.50 -4.89 -20.09
C LYS E 66 18.58 -5.97 -20.06
N GLU E 67 19.85 -5.56 -19.98
CA GLU E 67 20.91 -6.53 -19.76
C GLU E 67 20.64 -7.34 -18.48
N HIS E 68 20.30 -6.66 -17.39
CA HIS E 68 20.01 -7.36 -16.14
C HIS E 68 18.85 -8.34 -16.32
N VAL E 69 17.84 -7.95 -17.08
CA VAL E 69 16.70 -8.84 -17.35
C VAL E 69 17.17 -10.11 -18.04
N SER E 70 17.97 -9.98 -19.10
CA SER E 70 18.48 -11.18 -19.77
C SER E 70 19.25 -12.07 -18.80
N GLU E 71 20.06 -11.46 -17.92
CA GLU E 71 20.82 -12.25 -16.96
C GLU E 71 19.90 -13.00 -16.00
N ALA E 72 18.84 -12.32 -15.53
CA ALA E 72 17.93 -12.97 -14.59
C ALA E 72 17.15 -14.08 -15.24
N VAL E 73 16.72 -13.88 -16.49
CA VAL E 73 15.99 -14.94 -17.19
C VAL E 73 16.89 -16.16 -17.38
N HIS E 74 18.17 -15.92 -17.68
CA HIS E 74 19.12 -17.04 -17.79
C HIS E 74 19.22 -17.80 -16.47
N MET E 75 19.41 -17.07 -15.36
CA MET E 75 19.51 -17.74 -14.07
C MET E 75 18.23 -18.51 -13.74
N LEU E 76 17.08 -17.95 -14.11
CA LEU E 76 15.81 -18.59 -13.82
C LEU E 76 15.66 -19.89 -14.59
N ARG E 77 16.06 -19.88 -15.87
CA ARG E 77 15.97 -21.09 -16.67
C ARG E 77 16.94 -22.16 -16.17
N MET E 78 18.14 -21.75 -15.73
CA MET E 78 19.05 -22.73 -15.13
C MET E 78 18.47 -23.34 -13.85
N LEU E 79 17.97 -22.51 -12.94
CA LEU E 79 17.57 -23.02 -11.63
C LEU E 79 16.16 -23.64 -11.62
N ASP E 80 15.30 -23.25 -12.55
CA ASP E 80 13.92 -23.73 -12.59
C ASP E 80 13.77 -24.73 -13.74
N SER E 81 13.46 -25.98 -13.40
CA SER E 81 13.24 -27.00 -14.41
C SER E 81 11.99 -26.70 -15.23
N GLY E 82 10.91 -26.29 -14.56
CA GLY E 82 9.64 -26.03 -15.24
C GLY E 82 9.65 -24.80 -16.14
N GLN E 83 10.64 -23.93 -15.99
CA GLN E 83 10.73 -22.73 -16.82
C GLN E 83 11.66 -22.95 -18.01
N LEU F 22 5.27 15.67 -13.16
CA LEU F 22 6.35 16.34 -12.43
C LEU F 22 7.38 16.92 -13.39
N ASP F 23 8.54 17.28 -12.85
CA ASP F 23 9.66 17.79 -13.62
C ASP F 23 10.83 16.83 -13.51
N ASP F 24 11.85 17.08 -14.33
CA ASP F 24 12.92 16.11 -14.50
C ASP F 24 13.65 15.85 -13.20
N VAL F 25 13.90 16.89 -12.40
CA VAL F 25 14.71 16.71 -11.19
C VAL F 25 13.99 15.78 -10.22
N ALA F 26 12.67 15.94 -10.10
CA ALA F 26 11.89 15.12 -9.18
C ALA F 26 11.89 13.65 -9.62
N ARG F 27 11.82 13.43 -10.92
CA ARG F 27 11.85 12.06 -11.41
C ARG F 27 13.23 11.45 -11.20
N ILE F 28 14.31 12.24 -11.36
CA ILE F 28 15.65 11.75 -11.04
C ILE F 28 15.75 11.37 -9.58
N ARG F 29 15.23 12.22 -8.68
CA ARG F 29 15.26 11.88 -7.26
C ARG F 29 14.53 10.55 -7.01
N LEU F 30 13.40 10.35 -7.68
CA LEU F 30 12.64 9.10 -7.52
C LEU F 30 13.44 7.90 -8.04
N VAL F 31 14.11 8.06 -9.19
CA VAL F 31 14.93 6.97 -9.73
C VAL F 31 16.04 6.62 -8.75
N LEU F 32 16.71 7.63 -8.19
CA LEU F 32 17.77 7.39 -7.21
C LEU F 32 17.25 6.66 -5.97
N ALA F 33 16.11 7.12 -5.42
CA ALA F 33 15.52 6.45 -4.26
C ALA F 33 15.24 4.98 -4.56
N ARG F 34 14.66 4.70 -5.74
CA ARG F 34 14.36 3.33 -6.13
C ARG F 34 15.64 2.50 -6.27
N GLU F 35 16.68 3.07 -6.89
CA GLU F 35 17.93 2.33 -7.06
C GLU F 35 18.52 1.95 -5.71
N LEU F 36 18.46 2.87 -4.74
CA LEU F 36 19.00 2.58 -3.41
C LEU F 36 18.24 1.44 -2.73
N GLU F 37 16.91 1.44 -2.86
CA GLU F 37 16.14 0.32 -2.32
C GLU F 37 16.48 -0.98 -3.05
N THR F 38 16.73 -0.89 -4.36
CA THR F 38 17.07 -2.08 -5.14
C THR F 38 18.39 -2.68 -4.68
N ILE F 39 19.40 -1.84 -4.44
CA ILE F 39 20.67 -2.33 -3.88
C ILE F 39 20.42 -3.04 -2.56
N ASN F 40 19.61 -2.43 -1.67
CA ASN F 40 19.28 -3.11 -0.42
C ASN F 40 18.74 -4.51 -0.69
N GLU F 41 17.83 -4.62 -1.65
CA GLU F 41 17.23 -5.92 -1.97
C GLU F 41 18.27 -6.90 -2.49
N TYR F 42 19.11 -6.45 -3.41
CA TYR F 42 20.13 -7.31 -3.99
C TYR F 42 21.05 -7.87 -2.91
N GLU F 43 21.53 -6.98 -2.03
CA GLU F 43 22.44 -7.41 -0.98
C GLU F 43 21.74 -8.37 -0.01
N ALA F 44 20.48 -8.11 0.31
CA ALA F 44 19.74 -9.00 1.19
C ALA F 44 19.57 -10.38 0.57
N TYR F 45 19.28 -10.43 -0.73
CA TYR F 45 19.10 -11.71 -1.39
C TYR F 45 20.42 -12.45 -1.51
N ALA F 46 21.52 -11.73 -1.73
CA ALA F 46 22.83 -12.36 -1.71
C ALA F 46 23.10 -12.99 -0.35
N ARG F 47 22.79 -12.28 0.72
CA ARG F 47 22.97 -12.84 2.06
C ARG F 47 22.09 -14.06 2.27
N ALA F 48 20.86 -14.04 1.75
CA ALA F 48 19.91 -15.11 2.05
C ALA F 48 20.20 -16.40 1.31
N SER F 49 21.00 -16.38 0.25
CA SER F 49 21.22 -17.58 -0.55
C SER F 49 22.37 -18.41 0.00
N SER F 50 22.21 -19.73 -0.05
CA SER F 50 23.29 -20.67 0.24
C SER F 50 23.89 -21.27 -1.02
N ASN F 51 23.30 -21.00 -2.18
CA ASN F 51 23.89 -21.39 -3.45
C ASN F 51 24.93 -20.35 -3.87
N PRO F 52 26.21 -20.73 -3.98
CA PRO F 52 27.25 -19.73 -4.27
C PRO F 52 27.07 -19.02 -5.61
N GLU F 53 26.54 -19.69 -6.62
CA GLU F 53 26.28 -19.04 -7.90
C GLU F 53 25.20 -17.97 -7.77
N VAL F 54 24.12 -18.27 -7.05
CA VAL F 54 23.07 -17.29 -6.85
C VAL F 54 23.58 -16.12 -6.01
N ARG F 55 24.36 -16.41 -4.98
CA ARG F 55 24.98 -15.35 -4.18
C ARG F 55 25.80 -14.43 -5.07
N ALA F 56 26.63 -15.01 -5.95
CA ALA F 56 27.48 -14.20 -6.83
C ALA F 56 26.64 -13.38 -7.80
N PHE F 57 25.56 -13.97 -8.33
CA PHE F 57 24.65 -13.24 -9.20
C PHE F 57 24.12 -11.99 -8.50
N PHE F 58 23.65 -12.15 -7.26
CA PHE F 58 23.08 -11.00 -6.55
C PHE F 58 24.16 -9.97 -6.18
N GLN F 59 25.37 -10.43 -5.84
CA GLN F 59 26.45 -9.49 -5.55
C GLN F 59 26.86 -8.69 -6.79
N HIS F 60 26.88 -9.34 -7.95
CA HIS F 60 27.19 -8.63 -9.19
C HIS F 60 26.11 -7.59 -9.51
N LEU F 61 24.84 -7.99 -9.39
CA LEU F 61 23.75 -7.04 -9.58
C LEU F 61 23.90 -5.85 -8.64
N ALA F 62 24.26 -6.11 -7.37
CA ALA F 62 24.42 -5.01 -6.41
C ALA F 62 25.52 -4.05 -6.85
N ALA F 63 26.65 -4.58 -7.31
CA ALA F 63 27.75 -3.72 -7.76
C ALA F 63 27.32 -2.82 -8.92
N GLU F 64 26.63 -3.41 -9.91
CA GLU F 64 26.20 -2.58 -11.04
C GLU F 64 25.13 -1.56 -10.66
N GLU F 65 24.23 -1.92 -9.74
CA GLU F 65 23.25 -0.95 -9.29
C GLU F 65 23.92 0.22 -8.56
N LYS F 66 24.99 -0.04 -7.79
CA LYS F 66 25.73 1.07 -7.18
C LYS F 66 26.31 2.00 -8.24
N GLU F 67 26.80 1.43 -9.35
CA GLU F 67 27.21 2.31 -10.45
C GLU F 67 26.05 3.17 -10.97
N HIS F 68 24.86 2.57 -11.11
CA HIS F 68 23.69 3.35 -11.50
C HIS F 68 23.43 4.49 -10.51
N VAL F 69 23.58 4.22 -9.21
CA VAL F 69 23.44 5.28 -8.21
C VAL F 69 24.43 6.42 -8.45
N SER F 70 25.69 6.08 -8.75
CA SER F 70 26.67 7.14 -9.02
C SER F 70 26.22 8.01 -10.20
N GLU F 71 25.76 7.36 -11.26
CA GLU F 71 25.25 8.08 -12.44
C GLU F 71 24.10 9.00 -12.08
N ALA F 72 23.14 8.50 -11.28
CA ALA F 72 21.98 9.30 -10.92
C ALA F 72 22.35 10.49 -10.04
N VAL F 73 23.24 10.28 -9.07
CA VAL F 73 23.69 11.39 -8.23
C VAL F 73 24.36 12.46 -9.08
N HIS F 74 25.14 12.03 -10.09
CA HIS F 74 25.75 12.99 -11.00
C HIS F 74 24.68 13.78 -11.75
N MET F 75 23.66 13.10 -12.26
CA MET F 75 22.60 13.81 -12.97
C MET F 75 21.91 14.81 -12.07
N LEU F 76 21.63 14.42 -10.83
CA LEU F 76 20.99 15.30 -9.86
C LEU F 76 21.83 16.54 -9.60
N ARG F 77 23.13 16.35 -9.37
CA ARG F 77 24.02 17.48 -9.16
C ARG F 77 24.02 18.41 -10.37
N MET F 78 24.00 17.83 -11.58
CA MET F 78 23.95 18.66 -12.78
C MET F 78 22.68 19.50 -12.85
N LEU F 79 21.53 18.89 -12.52
CA LEU F 79 20.25 19.54 -12.74
C LEU F 79 19.73 20.33 -11.55
N ASP F 80 20.29 20.14 -10.35
CA ASP F 80 19.83 20.81 -9.14
C ASP F 80 20.97 21.67 -8.58
N SER F 81 20.90 22.98 -8.80
CA SER F 81 21.93 23.88 -8.28
C SER F 81 21.98 23.84 -6.75
N GLY F 82 20.81 23.74 -6.11
CA GLY F 82 20.77 23.68 -4.66
C GLY F 82 21.34 22.41 -4.07
N GLN F 83 21.42 21.34 -4.85
CA GLN F 83 21.97 20.09 -4.35
C GLN F 83 23.50 20.06 -4.44
N ASN F 84 24.05 20.60 -5.52
CA ASN F 84 25.50 20.61 -5.73
C ASN F 84 26.17 21.61 -4.80
N ASP G 21 16.57 -8.33 8.53
CA ASP G 21 18.02 -8.42 8.41
C ASP G 21 18.59 -7.24 7.62
N LEU G 22 18.87 -6.14 8.32
CA LEU G 22 19.46 -4.95 7.72
C LEU G 22 20.76 -4.61 8.42
N ASP G 23 21.73 -4.12 7.65
CA ASP G 23 22.95 -3.58 8.21
C ASP G 23 22.94 -2.05 8.13
N ASP G 24 24.03 -1.44 8.55
CA ASP G 24 24.08 0.02 8.64
C ASP G 24 23.97 0.65 7.25
N VAL G 25 24.59 0.04 6.25
CA VAL G 25 24.56 0.64 4.92
C VAL G 25 23.13 0.61 4.37
N ALA G 26 22.39 -0.47 4.63
CA ALA G 26 21.01 -0.54 4.19
C ALA G 26 20.16 0.53 4.83
N ARG G 27 20.42 0.85 6.11
CA ARG G 27 19.64 1.87 6.79
C ARG G 27 19.98 3.26 6.27
N ILE G 28 21.26 3.49 5.95
CA ILE G 28 21.63 4.76 5.34
C ILE G 28 20.96 4.92 3.98
N ARG G 29 20.90 3.83 3.19
CA ARG G 29 20.25 3.92 1.89
C ARG G 29 18.76 4.22 2.03
N LEU G 30 18.11 3.59 3.00
CA LEU G 30 16.70 3.86 3.25
C LEU G 30 16.46 5.31 3.66
N VAL G 31 17.29 5.82 4.56
CA VAL G 31 17.18 7.23 4.96
C VAL G 31 17.39 8.16 3.76
N LEU G 32 18.38 7.85 2.92
CA LEU G 32 18.64 8.70 1.76
C LEU G 32 17.45 8.69 0.80
N ALA G 33 16.86 7.51 0.57
CA ALA G 33 15.71 7.42 -0.34
C ALA G 33 14.54 8.24 0.19
N ARG G 34 14.28 8.10 1.50
CA ARG G 34 13.21 8.87 2.13
C ARG G 34 13.46 10.38 1.99
N GLU G 35 14.72 10.80 2.19
CA GLU G 35 15.03 12.23 2.10
C GLU G 35 14.80 12.75 0.69
N LEU G 36 15.15 11.96 -0.33
CA LEU G 36 14.91 12.39 -1.71
C LEU G 36 13.42 12.60 -1.97
N GLU G 37 12.58 11.67 -1.50
CA GLU G 37 11.13 11.86 -1.63
C GLU G 37 10.68 13.09 -0.87
N THR G 38 11.25 13.32 0.31
CA THR G 38 10.89 14.49 1.12
C THR G 38 11.23 15.79 0.40
N ILE G 39 12.38 15.84 -0.27
CA ILE G 39 12.73 17.04 -1.03
C ILE G 39 11.71 17.27 -2.14
N ASN G 40 11.33 16.19 -2.85
CA ASN G 40 10.27 16.32 -3.85
C ASN G 40 9.03 16.99 -3.27
N GLU G 41 8.59 16.51 -2.10
CA GLU G 41 7.38 17.06 -1.48
C GLU G 41 7.57 18.52 -1.11
N TYR G 42 8.70 18.86 -0.47
CA TYR G 42 8.95 20.24 -0.05
C TYR G 42 8.95 21.19 -1.24
N GLU G 43 9.62 20.82 -2.33
CA GLU G 43 9.68 21.73 -3.46
C GLU G 43 8.32 21.88 -4.12
N ALA G 44 7.55 20.79 -4.20
CA ALA G 44 6.20 20.87 -4.73
C ALA G 44 5.31 21.75 -3.87
N TYR G 45 5.40 21.63 -2.54
CA TYR G 45 4.57 22.43 -1.65
C TYR G 45 4.99 23.90 -1.68
N ALA G 46 6.30 24.17 -1.78
CA ALA G 46 6.76 25.53 -1.97
C ALA G 46 6.15 26.13 -3.23
N ARG G 47 6.08 25.34 -4.30
CA ARG G 47 5.52 25.84 -5.55
C ARG G 47 4.03 26.11 -5.44
N ALA G 48 3.29 25.18 -4.82
CA ALA G 48 1.83 25.28 -4.74
C ALA G 48 1.32 26.39 -3.83
N SER G 49 2.18 26.97 -3.00
CA SER G 49 1.76 28.04 -2.10
C SER G 49 1.98 29.40 -2.76
N SER G 50 1.06 30.32 -2.51
CA SER G 50 1.21 31.70 -2.96
C SER G 50 1.46 32.66 -1.80
N ASN G 51 1.42 32.17 -0.56
CA ASN G 51 1.80 32.92 0.63
C ASN G 51 3.33 32.92 0.74
N PRO G 52 3.96 34.09 0.62
CA PRO G 52 5.44 34.13 0.67
C PRO G 52 6.02 33.49 1.92
N GLU G 53 5.34 33.58 3.06
CA GLU G 53 5.88 32.98 4.27
C GLU G 53 5.86 31.46 4.18
N VAL G 54 4.83 30.90 3.57
CA VAL G 54 4.72 29.44 3.51
C VAL G 54 5.66 28.85 2.45
N ARG G 55 5.61 29.42 1.22
CA ARG G 55 6.62 29.19 0.19
C ARG G 55 8.03 29.28 0.79
N ALA G 56 8.30 30.28 1.63
CA ALA G 56 9.66 30.41 2.17
C ALA G 56 9.96 29.32 3.19
N PHE G 57 8.97 28.97 4.01
CA PHE G 57 9.10 27.87 4.96
C PHE G 57 9.48 26.58 4.25
N PHE G 58 8.78 26.27 3.15
CA PHE G 58 9.04 25.04 2.41
C PHE G 58 10.38 25.11 1.67
N GLN G 59 10.77 26.29 1.15
CA GLN G 59 12.08 26.40 0.51
C GLN G 59 13.22 26.17 1.50
N HIS G 60 13.09 26.72 2.72
CA HIS G 60 14.10 26.46 3.74
C HIS G 60 14.16 24.98 4.11
N LEU G 61 12.98 24.34 4.24
CA LEU G 61 12.96 22.90 4.49
C LEU G 61 13.68 22.13 3.39
N ALA G 62 13.45 22.50 2.14
CA ALA G 62 14.08 21.78 1.03
C ALA G 62 15.60 21.97 1.02
N ALA G 63 16.07 23.17 1.32
CA ALA G 63 17.51 23.40 1.38
C ALA G 63 18.15 22.56 2.50
N GLU G 64 17.52 22.53 3.68
CA GLU G 64 18.06 21.73 4.77
C GLU G 64 18.06 20.23 4.43
N GLU G 65 17.01 19.78 3.73
CA GLU G 65 16.95 18.38 3.35
C GLU G 65 18.02 18.03 2.32
N LYS G 66 18.31 18.95 1.40
CA LYS G 66 19.41 18.71 0.44
C LYS G 66 20.74 18.57 1.17
N GLU G 67 20.94 19.39 2.21
CA GLU G 67 22.12 19.21 3.06
C GLU G 67 22.17 17.80 3.65
N HIS G 68 21.03 17.33 4.17
CA HIS G 68 20.97 15.96 4.68
C HIS G 68 21.35 14.94 3.61
N VAL G 69 20.92 15.17 2.37
CA VAL G 69 21.23 14.22 1.30
C VAL G 69 22.73 14.18 1.05
N SER G 70 23.39 15.35 1.03
CA SER G 70 24.83 15.35 0.85
C SER G 70 25.53 14.59 1.98
N GLU G 71 25.10 14.82 3.23
CA GLU G 71 25.70 14.10 4.35
C GLU G 71 25.51 12.59 4.22
N ALA G 72 24.32 12.15 3.81
CA ALA G 72 24.07 10.71 3.69
C ALA G 72 24.88 10.12 2.55
N VAL G 73 25.05 10.85 1.45
CA VAL G 73 25.88 10.35 0.35
C VAL G 73 27.31 10.18 0.83
N HIS G 74 27.80 11.14 1.63
CA HIS G 74 29.14 11.02 2.22
C HIS G 74 29.26 9.77 3.08
N MET G 75 28.31 9.56 3.99
CA MET G 75 28.31 8.34 4.80
C MET G 75 28.34 7.09 3.93
N LEU G 76 27.49 7.05 2.91
CA LEU G 76 27.41 5.89 2.03
C LEU G 76 28.74 5.62 1.36
N ARG G 77 29.38 6.65 0.82
CA ARG G 77 30.68 6.48 0.18
C ARG G 77 31.73 6.02 1.19
N MET G 78 31.63 6.51 2.43
CA MET G 78 32.67 6.18 3.41
C MET G 78 32.53 4.73 3.91
N LEU G 79 31.32 4.18 3.89
CA LEU G 79 31.11 2.81 4.39
C LEU G 79 30.91 1.76 3.30
N ASP G 80 30.89 2.13 2.03
CA ASP G 80 30.61 1.18 0.96
C ASP G 80 31.67 1.31 -0.12
N SER G 81 32.53 0.30 -0.21
CA SER G 81 33.61 0.34 -1.21
C SER G 81 33.06 0.24 -2.62
N GLY G 82 32.00 -0.56 -2.82
CA GLY G 82 31.37 -0.64 -4.12
C GLY G 82 30.74 0.67 -4.57
N GLN G 83 30.48 1.58 -3.64
CA GLN G 83 29.91 2.88 -3.96
C GLN G 83 31.00 3.95 -4.03
N LEU H 22 -6.51 20.63 -0.89
CA LEU H 22 -5.26 20.88 -0.18
C LEU H 22 -4.91 22.37 -0.12
N ASP H 23 -5.00 22.96 1.06
CA ASP H 23 -4.57 24.33 1.22
C ASP H 23 -3.22 24.33 1.93
N ASP H 24 -2.70 25.53 2.22
CA ASP H 24 -1.39 25.66 2.84
C ASP H 24 -1.33 24.94 4.18
N VAL H 25 -2.35 25.14 5.02
CA VAL H 25 -2.34 24.53 6.35
C VAL H 25 -2.36 23.01 6.23
N ALA H 26 -3.08 22.47 5.25
CA ALA H 26 -3.09 21.02 5.03
C ALA H 26 -1.69 20.52 4.67
N ARG H 27 -0.98 21.26 3.81
CA ARG H 27 0.35 20.82 3.41
C ARG H 27 1.31 20.86 4.59
N ILE H 28 1.15 21.85 5.46
CA ILE H 28 1.98 21.91 6.67
C ILE H 28 1.67 20.75 7.59
N ARG H 29 0.39 20.42 7.78
CA ARG H 29 0.06 19.25 8.59
C ARG H 29 0.70 17.98 8.02
N LEU H 30 0.65 17.83 6.69
CA LEU H 30 1.25 16.63 6.09
C LEU H 30 2.76 16.60 6.34
N VAL H 31 3.44 17.73 6.19
CA VAL H 31 4.87 17.78 6.46
C VAL H 31 5.17 17.45 7.92
N LEU H 32 4.41 18.03 8.85
CA LEU H 32 4.62 17.75 10.26
C LEU H 32 4.46 16.25 10.56
N ALA H 33 3.40 15.64 10.03
CA ALA H 33 3.19 14.20 10.25
C ALA H 33 4.35 13.37 9.70
N ARG H 34 4.81 13.72 8.50
CA ARG H 34 5.94 13.00 7.91
C ARG H 34 7.20 13.18 8.75
N GLU H 35 7.42 14.41 9.25
CA GLU H 35 8.58 14.68 10.10
C GLU H 35 8.54 13.83 11.36
N LEU H 36 7.35 13.66 11.95
CA LEU H 36 7.25 12.85 13.17
C LEU H 36 7.62 11.39 12.89
N GLU H 37 7.10 10.82 11.80
CA GLU H 37 7.55 9.47 11.45
C GLU H 37 9.05 9.40 11.15
N THR H 38 9.58 10.44 10.52
CA THR H 38 11.02 10.44 10.21
C THR H 38 11.84 10.40 11.49
N ILE H 39 11.42 11.14 12.52
CA ILE H 39 12.12 11.11 13.80
C ILE H 39 12.08 9.70 14.38
N ASN H 40 10.90 9.07 14.36
CA ASN H 40 10.81 7.69 14.87
C ASN H 40 11.80 6.79 14.15
N GLU H 41 11.90 6.93 12.83
CA GLU H 41 12.79 6.09 12.05
C GLU H 41 14.25 6.37 12.38
N TYR H 42 14.63 7.65 12.49
CA TYR H 42 16.01 8.00 12.82
C TYR H 42 16.40 7.45 14.18
N GLU H 43 15.51 7.56 15.17
CA GLU H 43 15.84 7.07 16.51
C GLU H 43 15.94 5.55 16.52
N ALA H 44 15.03 4.86 15.83
CA ALA H 44 15.14 3.40 15.73
C ALA H 44 16.42 2.97 15.05
N TYR H 45 16.82 3.67 13.97
CA TYR H 45 18.03 3.30 13.24
C TYR H 45 19.28 3.63 14.05
N ALA H 46 19.23 4.66 14.89
CA ALA H 46 20.34 4.92 15.80
C ALA H 46 20.45 3.81 16.84
N ARG H 47 19.30 3.37 17.36
CA ARG H 47 19.30 2.25 18.29
C ARG H 47 19.86 0.98 17.65
N ALA H 48 19.58 0.77 16.36
CA ALA H 48 19.88 -0.51 15.73
C ALA H 48 21.31 -0.61 15.18
N SER H 49 22.05 0.48 15.11
CA SER H 49 23.36 0.43 14.49
C SER H 49 24.45 0.15 15.52
N SER H 50 25.48 -0.56 15.07
CA SER H 50 26.61 -0.88 15.93
C SER H 50 27.85 -0.06 15.61
N ASN H 51 28.02 0.37 14.37
CA ASN H 51 29.07 1.33 14.05
C ASN H 51 28.76 2.65 14.76
N PRO H 52 29.66 3.15 15.62
CA PRO H 52 29.36 4.38 16.37
C PRO H 52 29.14 5.59 15.50
N GLU H 53 29.87 5.70 14.37
CA GLU H 53 29.73 6.87 13.51
C GLU H 53 28.36 6.90 12.83
N VAL H 54 27.90 5.76 12.32
CA VAL H 54 26.54 5.64 11.82
C VAL H 54 25.55 6.05 12.89
N ARG H 55 25.84 5.65 14.13
CA ARG H 55 24.87 5.68 15.20
C ARG H 55 24.68 7.16 15.57
N ALA H 56 25.79 7.91 15.54
CA ALA H 56 25.78 9.35 15.77
C ALA H 56 25.24 10.12 14.57
N PHE H 57 25.48 9.63 13.35
CA PHE H 57 24.86 10.21 12.16
C PHE H 57 23.34 10.26 12.32
N PHE H 58 22.75 9.13 12.71
CA PHE H 58 21.30 9.06 12.90
C PHE H 58 20.84 9.94 14.06
N GLN H 59 21.62 9.98 15.15
CA GLN H 59 21.22 10.84 16.27
C GLN H 59 21.22 12.32 15.86
N HIS H 60 22.20 12.73 15.07
CA HIS H 60 22.23 14.10 14.57
C HIS H 60 21.02 14.39 13.69
N LEU H 61 20.69 13.46 12.80
CA LEU H 61 19.51 13.62 11.94
C LEU H 61 18.24 13.76 12.78
N ALA H 62 18.11 12.95 13.84
CA ALA H 62 16.93 13.04 14.69
C ALA H 62 16.83 14.40 15.38
N ALA H 63 17.96 14.92 15.86
CA ALA H 63 17.92 16.24 16.51
C ALA H 63 17.50 17.34 15.51
N GLU H 64 18.05 17.30 14.29
CA GLU H 64 17.67 18.30 13.29
C GLU H 64 16.19 18.20 12.94
N GLU H 65 15.68 16.98 12.81
CA GLU H 65 14.27 16.81 12.47
C GLU H 65 13.36 17.31 13.59
N LYS H 66 13.78 17.12 14.85
CA LYS H 66 12.98 17.65 15.96
C LYS H 66 12.89 19.18 15.90
N GLU H 67 13.99 19.83 15.54
CA GLU H 67 13.91 21.27 15.32
C GLU H 67 12.92 21.62 14.20
N HIS H 68 12.92 20.82 13.12
CA HIS H 68 11.93 21.03 12.07
C HIS H 68 10.50 20.95 12.61
N VAL H 69 10.26 20.01 13.52
CA VAL H 69 8.93 19.85 14.10
C VAL H 69 8.52 21.11 14.85
N SER H 70 9.45 21.67 15.61
CA SER H 70 9.12 22.91 16.32
C SER H 70 8.72 24.02 15.35
N GLU H 71 9.46 24.15 14.25
CA GLU H 71 9.14 25.18 13.25
C GLU H 71 7.76 24.94 12.64
N ALA H 72 7.45 23.69 12.31
CA ALA H 72 6.15 23.38 11.69
C ALA H 72 5.00 23.64 12.66
N VAL H 73 5.15 23.25 13.93
CA VAL H 73 4.12 23.56 14.92
C VAL H 73 3.89 25.07 14.99
N HIS H 74 4.98 25.84 14.98
CA HIS H 74 4.79 27.30 15.02
C HIS H 74 4.03 27.81 13.80
N MET H 75 4.39 27.33 12.60
CA MET H 75 3.70 27.76 11.38
C MET H 75 2.22 27.41 11.44
N LEU H 76 1.90 26.22 11.96
CA LEU H 76 0.53 25.80 12.09
C LEU H 76 -0.23 26.71 13.05
N ARG H 77 0.40 27.08 14.17
CA ARG H 77 -0.26 27.98 15.11
C ARG H 77 -0.50 29.36 14.50
N MET H 78 0.43 29.84 13.68
CA MET H 78 0.29 31.14 13.03
C MET H 78 -0.84 31.16 12.01
N LEU H 79 -0.95 30.10 11.21
CA LEU H 79 -1.95 30.10 10.16
C LEU H 79 -3.29 29.53 10.59
N ASP H 80 -3.33 28.73 11.66
CA ASP H 80 -4.57 28.10 12.07
C ASP H 80 -5.09 28.67 13.39
N ASP I 21 -16.35 10.98 -6.55
CA ASP I 21 -17.61 10.29 -6.77
C ASP I 21 -18.22 9.90 -5.41
N LEU I 22 -17.87 10.66 -4.39
CA LEU I 22 -18.31 10.41 -3.02
C LEU I 22 -19.48 11.33 -2.68
N ASP I 23 -20.47 10.78 -1.98
CA ASP I 23 -21.55 11.62 -1.46
C ASP I 23 -21.34 11.79 0.04
N ASP I 24 -22.30 12.46 0.70
CA ASP I 24 -22.15 12.76 2.13
C ASP I 24 -22.14 11.48 2.97
N VAL I 25 -23.03 10.54 2.66
CA VAL I 25 -23.09 9.32 3.45
C VAL I 25 -21.77 8.56 3.37
N ALA I 26 -21.17 8.53 2.18
CA ALA I 26 -19.91 7.80 1.99
C ALA I 26 -18.78 8.43 2.80
N ARG I 27 -18.78 9.77 2.89
CA ARG I 27 -17.78 10.44 3.71
C ARG I 27 -17.99 10.16 5.19
N ILE I 28 -19.26 10.10 5.63
CA ILE I 28 -19.52 9.74 7.02
C ILE I 28 -19.04 8.33 7.33
N ARG I 29 -19.31 7.39 6.41
CA ARG I 29 -18.83 6.03 6.61
C ARG I 29 -17.31 5.97 6.68
N LEU I 30 -16.61 6.75 5.83
CA LEU I 30 -15.15 6.76 5.89
C LEU I 30 -14.66 7.31 7.22
N VAL I 31 -15.29 8.36 7.72
CA VAL I 31 -14.90 8.96 9.00
C VAL I 31 -15.13 7.98 10.15
N LEU I 32 -16.30 7.32 10.15
CA LEU I 32 -16.61 6.32 11.16
C LEU I 32 -15.59 5.19 11.16
N ALA I 33 -15.28 4.66 9.96
CA ALA I 33 -14.29 3.59 9.86
C ALA I 33 -12.93 4.02 10.41
N ARG I 34 -12.53 5.25 10.06
CA ARG I 34 -11.25 5.75 10.57
C ARG I 34 -11.27 5.88 12.09
N GLU I 35 -12.37 6.41 12.65
CA GLU I 35 -12.47 6.55 14.11
C GLU I 35 -12.38 5.20 14.81
N LEU I 36 -13.00 4.16 14.23
CA LEU I 36 -12.92 2.83 14.86
C LEU I 36 -11.48 2.32 14.89
N GLU I 37 -10.76 2.46 13.78
CA GLU I 37 -9.35 2.08 13.77
C GLU I 37 -8.52 2.90 14.76
N THR I 38 -8.84 4.19 14.87
CA THR I 38 -8.14 5.04 15.82
C THR I 38 -8.35 4.57 17.25
N ILE I 39 -9.59 4.19 17.60
CA ILE I 39 -9.83 3.69 18.95
C ILE I 39 -8.98 2.44 19.20
N ASN I 40 -8.92 1.54 18.21
CA ASN I 40 -8.06 0.36 18.36
C ASN I 40 -6.63 0.76 18.68
N GLU I 41 -6.12 1.76 17.96
CA GLU I 41 -4.75 2.20 18.18
C GLU I 41 -4.56 2.78 19.58
N TYR I 42 -5.49 3.62 20.01
CA TYR I 42 -5.38 4.21 21.36
C TYR I 42 -5.39 3.12 22.42
N GLU I 43 -6.24 2.10 22.26
CA GLU I 43 -6.30 1.04 23.26
C GLU I 43 -5.03 0.20 23.26
N ALA I 44 -4.52 -0.14 22.07
CA ALA I 44 -3.28 -0.91 21.99
C ALA I 44 -2.12 -0.14 22.61
N TYR I 45 -2.06 1.18 22.37
CA TYR I 45 -0.96 1.97 22.89
C TYR I 45 -1.08 2.18 24.40
N ALA I 46 -2.31 2.28 24.92
CA ALA I 46 -2.48 2.27 26.36
C ALA I 46 -1.98 0.96 26.95
N ARG I 47 -2.31 -0.17 26.32
CA ARG I 47 -1.82 -1.46 26.78
C ARG I 47 -0.30 -1.53 26.75
N ALA I 48 0.33 -0.88 25.77
CA ALA I 48 1.79 -0.92 25.68
C ALA I 48 2.46 -0.26 26.88
N SER I 49 1.74 0.62 27.59
CA SER I 49 2.08 1.02 28.96
C SER I 49 3.35 1.85 29.10
N SER I 50 4.23 1.41 30.01
CA SER I 50 5.50 2.02 30.40
C SER I 50 5.30 3.18 31.38
N ASN I 51 4.34 4.06 31.12
CA ASN I 51 4.11 5.25 31.94
C ASN I 51 2.61 5.39 32.20
N PRO I 52 2.18 5.28 33.47
CA PRO I 52 0.77 5.55 33.81
C PRO I 52 0.17 6.81 33.20
N GLU I 53 0.94 7.90 33.15
CA GLU I 53 0.43 9.15 32.59
C GLU I 53 0.16 9.02 31.10
N VAL I 54 1.02 8.30 30.39
CA VAL I 54 0.81 8.03 28.98
C VAL I 54 -0.42 7.15 28.78
N ARG I 55 -0.57 6.13 29.63
CA ARG I 55 -1.76 5.29 29.57
C ARG I 55 -3.03 6.11 29.73
N ALA I 56 -3.05 7.03 30.71
CA ALA I 56 -4.24 7.84 30.95
C ALA I 56 -4.50 8.79 29.77
N PHE I 57 -3.44 9.30 29.15
CA PHE I 57 -3.59 10.14 27.97
C PHE I 57 -4.28 9.36 26.83
N PHE I 58 -3.80 8.13 26.58
CA PHE I 58 -4.38 7.32 25.52
C PHE I 58 -5.81 6.89 25.86
N GLN I 59 -6.08 6.59 27.13
CA GLN I 59 -7.43 6.22 27.54
C GLN I 59 -8.41 7.36 27.35
N HIS I 60 -7.99 8.58 27.69
CA HIS I 60 -8.87 9.74 27.50
C HIS I 60 -9.16 9.96 26.02
N LEU I 61 -8.12 9.84 25.17
CA LEU I 61 -8.34 9.96 23.73
C LEU I 61 -9.34 8.92 23.23
N ALA I 62 -9.22 7.67 23.70
CA ALA I 62 -10.16 6.62 23.29
C ALA I 62 -11.59 6.96 23.70
N ALA I 63 -11.80 7.46 24.93
CA ALA I 63 -13.15 7.77 25.38
C ALA I 63 -13.80 8.86 24.51
N GLU I 64 -13.04 9.93 24.22
CA GLU I 64 -13.65 10.97 23.38
C GLU I 64 -13.92 10.50 21.95
N GLU I 65 -13.04 9.62 21.43
CA GLU I 65 -13.31 9.06 20.11
C GLU I 65 -14.58 8.21 20.10
N LYS I 66 -14.85 7.48 21.19
CA LYS I 66 -16.12 6.74 21.27
C LYS I 66 -17.33 7.68 21.20
N GLU I 67 -17.22 8.86 21.82
CA GLU I 67 -18.30 9.84 21.66
C GLU I 67 -18.53 10.16 20.19
N HIS I 68 -17.43 10.35 19.46
CA HIS I 68 -17.56 10.68 18.03
C HIS I 68 -18.20 9.52 17.25
N VAL I 69 -17.85 8.29 17.60
CA VAL I 69 -18.39 7.13 16.90
C VAL I 69 -19.91 7.11 17.03
N SER I 70 -20.41 7.33 18.25
CA SER I 70 -21.85 7.36 18.43
C SER I 70 -22.51 8.46 17.60
N GLU I 71 -21.92 9.66 17.61
CA GLU I 71 -22.56 10.71 16.81
C GLU I 71 -22.54 10.38 15.32
N ALA I 72 -21.46 9.77 14.84
CA ALA I 72 -21.39 9.42 13.42
C ALA I 72 -22.40 8.32 13.06
N VAL I 73 -22.60 7.35 13.94
CA VAL I 73 -23.61 6.33 13.67
C VAL I 73 -24.99 6.96 13.59
N HIS I 74 -25.27 7.93 14.48
CA HIS I 74 -26.58 8.59 14.42
C HIS I 74 -26.75 9.40 13.13
N MET I 75 -25.71 10.14 12.74
CA MET I 75 -25.70 10.81 11.43
C MET I 75 -26.04 9.85 10.32
N LEU I 76 -25.24 8.77 10.22
CA LEU I 76 -25.45 7.77 9.19
C LEU I 76 -26.90 7.29 9.19
N ARG I 77 -27.46 7.05 10.38
CA ARG I 77 -28.85 6.60 10.49
C ARG I 77 -29.84 7.61 9.93
N MET I 78 -29.67 8.93 10.23
CA MET I 78 -30.66 9.87 9.69
C MET I 78 -30.52 9.93 8.16
N LEU I 79 -29.28 9.88 7.66
CA LEU I 79 -29.03 10.11 6.25
C LEU I 79 -29.20 8.87 5.38
N ASP I 80 -29.13 7.68 5.97
CA ASP I 80 -29.19 6.43 5.23
C ASP I 80 -30.46 5.69 5.67
N SER I 81 -31.53 5.82 4.89
CA SER I 81 -32.80 5.19 5.24
C SER I 81 -32.74 3.67 5.18
N GLY I 82 -31.73 3.10 4.51
CA GLY I 82 -31.54 1.67 4.49
C GLY I 82 -30.77 1.20 5.72
N GLN I 83 -29.96 2.09 6.29
CA GLN I 83 -29.25 1.76 7.51
C GLN I 83 -30.15 1.90 8.74
N ASN I 84 -30.99 2.94 8.75
CA ASN I 84 -31.87 3.19 9.87
C ASN I 84 -32.94 2.11 9.99
N ASP J 21 10.00 -2.56 20.08
CA ASP J 21 10.89 -1.64 19.38
C ASP J 21 10.52 -0.19 19.68
N LEU J 22 9.22 0.09 19.67
CA LEU J 22 8.72 1.44 19.90
C LEU J 22 8.59 1.72 21.40
N ASP J 23 8.85 2.97 21.78
CA ASP J 23 8.62 3.42 23.13
C ASP J 23 7.44 4.38 23.17
N ASP J 24 7.20 4.98 24.34
CA ASP J 24 6.03 5.84 24.49
C ASP J 24 6.12 7.07 23.61
N VAL J 25 7.31 7.68 23.50
CA VAL J 25 7.47 8.87 22.67
C VAL J 25 7.17 8.55 21.22
N ALA J 26 7.65 7.40 20.74
CA ALA J 26 7.39 7.03 19.35
C ALA J 26 5.90 6.83 19.13
N ARG J 27 5.21 6.20 20.09
CA ARG J 27 3.77 6.00 19.93
C ARG J 27 3.01 7.32 19.96
N ILE J 28 3.45 8.27 20.79
CA ILE J 28 2.81 9.58 20.82
C ILE J 28 3.03 10.32 19.50
N ARG J 29 4.24 10.23 18.94
CA ARG J 29 4.48 10.82 17.62
C ARG J 29 3.57 10.23 16.57
N LEU J 30 3.38 8.90 16.59
CA LEU J 30 2.49 8.25 15.62
C LEU J 30 1.06 8.75 15.79
N VAL J 31 0.63 8.90 17.02
CA VAL J 31 -0.71 9.40 17.30
C VAL J 31 -0.86 10.83 16.79
N LEU J 32 0.17 11.65 17.00
CA LEU J 32 0.12 13.04 16.53
C LEU J 32 0.05 13.11 15.00
N ALA J 33 0.91 12.36 14.32
CA ALA J 33 0.88 12.32 12.86
C ALA J 33 -0.50 11.90 12.35
N ARG J 34 -1.09 10.88 13.00
CA ARG J 34 -2.42 10.42 12.58
C ARG J 34 -3.47 11.50 12.81
N GLU J 35 -3.42 12.19 13.96
CA GLU J 35 -4.36 13.27 14.23
C GLU J 35 -4.27 14.38 13.18
N LEU J 36 -3.05 14.70 12.74
CA LEU J 36 -2.88 15.74 11.73
C LEU J 36 -3.52 15.33 10.40
N GLU J 37 -3.28 14.08 10.00
CA GLU J 37 -3.96 13.60 8.79
C GLU J 37 -5.49 13.60 8.97
N THR J 38 -5.96 13.25 10.16
CA THR J 38 -7.38 13.24 10.43
C THR J 38 -8.00 14.64 10.30
N ILE J 39 -7.30 15.66 10.83
CA ILE J 39 -7.80 17.02 10.69
C ILE J 39 -7.91 17.37 9.21
N ASN J 40 -6.89 17.03 8.43
CA ASN J 40 -6.96 17.30 6.98
C ASN J 40 -8.18 16.66 6.35
N GLU J 41 -8.47 15.40 6.74
CA GLU J 41 -9.62 14.73 6.16
C GLU J 41 -10.94 15.38 6.60
N TYR J 42 -11.08 15.71 7.88
CA TYR J 42 -12.30 16.37 8.34
C TYR J 42 -12.51 17.69 7.62
N GLU J 43 -11.46 18.49 7.47
CA GLU J 43 -11.61 19.78 6.80
C GLU J 43 -11.94 19.59 5.32
N ALA J 44 -11.29 18.62 4.64
CA ALA J 44 -11.63 18.37 3.25
C ALA J 44 -13.08 17.93 3.11
N TYR J 45 -13.56 17.06 4.01
CA TYR J 45 -14.93 16.57 3.93
C TYR J 45 -15.94 17.67 4.23
N ALA J 46 -15.64 18.56 5.18
CA ALA J 46 -16.48 19.72 5.40
C ALA J 46 -16.58 20.56 4.12
N ARG J 47 -15.44 20.80 3.46
CA ARG J 47 -15.47 21.58 2.23
C ARG J 47 -16.31 20.90 1.14
N ALA J 48 -16.24 19.57 1.05
CA ALA J 48 -16.93 18.88 -0.05
C ALA J 48 -18.40 18.60 0.23
N SER J 49 -18.86 18.72 1.46
CA SER J 49 -20.19 18.23 1.80
C SER J 49 -21.28 19.13 1.23
N SER J 50 -22.43 18.53 0.95
CA SER J 50 -23.57 19.32 0.49
C SER J 50 -24.51 19.66 1.63
N ASN J 51 -24.96 18.67 2.40
CA ASN J 51 -25.87 18.89 3.52
C ASN J 51 -25.20 19.79 4.56
N PRO J 52 -25.71 20.99 4.83
CA PRO J 52 -25.03 21.88 5.78
C PRO J 52 -24.89 21.31 7.18
N GLU J 53 -25.79 20.41 7.58
CA GLU J 53 -25.64 19.74 8.87
C GLU J 53 -24.44 18.80 8.87
N VAL J 54 -24.18 18.13 7.73
CA VAL J 54 -22.99 17.29 7.62
C VAL J 54 -21.73 18.13 7.66
N ARG J 55 -21.75 19.27 6.96
CA ARG J 55 -20.63 20.20 7.03
C ARG J 55 -20.37 20.61 8.47
N ALA J 56 -21.43 20.96 9.21
CA ALA J 56 -21.26 21.34 10.61
C ALA J 56 -20.66 20.20 11.44
N PHE J 57 -21.10 18.97 11.16
CA PHE J 57 -20.55 17.79 11.83
C PHE J 57 -19.02 17.71 11.62
N PHE J 58 -18.59 17.81 10.36
CA PHE J 58 -17.16 17.67 10.06
C PHE J 58 -16.35 18.83 10.64
N GLN J 59 -16.92 20.04 10.61
CA GLN J 59 -16.22 21.19 11.19
C GLN J 59 -16.01 21.02 12.69
N HIS J 60 -17.05 20.55 13.39
CA HIS J 60 -16.92 20.26 14.82
C HIS J 60 -15.83 19.21 15.07
N LEU J 61 -15.84 18.13 14.29
CA LEU J 61 -14.84 17.08 14.49
C LEU J 61 -13.43 17.63 14.28
N ALA J 62 -13.25 18.49 13.27
CA ALA J 62 -11.94 19.10 13.05
C ALA J 62 -11.49 19.95 14.23
N ALA J 63 -12.41 20.74 14.80
CA ALA J 63 -12.03 21.59 15.94
C ALA J 63 -11.60 20.75 17.15
N GLU J 64 -12.35 19.69 17.44
CA GLU J 64 -11.98 18.82 18.56
C GLU J 64 -10.65 18.08 18.31
N GLU J 65 -10.41 17.63 17.08
CA GLU J 65 -9.13 17.00 16.79
C GLU J 65 -7.97 17.98 16.94
N LYS J 66 -8.18 19.25 16.59
CA LYS J 66 -7.12 20.25 16.77
C LYS J 66 -6.77 20.40 18.25
N GLU J 67 -7.80 20.38 19.12
CA GLU J 67 -7.49 20.39 20.54
C GLU J 67 -6.65 19.17 20.97
N HIS J 68 -6.98 17.99 20.41
CA HIS J 68 -6.15 16.82 20.71
C HIS J 68 -4.71 17.01 20.26
N VAL J 69 -4.50 17.69 19.13
CA VAL J 69 -3.15 17.95 18.65
C VAL J 69 -2.37 18.76 19.67
N SER J 70 -3.01 19.79 20.21
CA SER J 70 -2.35 20.61 21.24
C SER J 70 -1.92 19.74 22.42
N GLU J 71 -2.83 18.87 22.90
CA GLU J 71 -2.50 17.99 24.01
C GLU J 71 -1.33 17.05 23.68
N ALA J 72 -1.32 16.49 22.47
CA ALA J 72 -0.27 15.57 22.09
C ALA J 72 1.08 16.26 22.04
N VAL J 73 1.11 17.49 21.53
CA VAL J 73 2.36 18.25 21.54
C VAL J 73 2.84 18.47 22.97
N HIS J 74 1.90 18.76 23.88
CA HIS J 74 2.26 18.95 25.28
C HIS J 74 2.90 17.69 25.86
N MET J 75 2.26 16.54 25.65
CA MET J 75 2.86 15.26 26.08
C MET J 75 4.25 15.05 25.50
N LEU J 76 4.37 15.22 24.19
CA LEU J 76 5.65 14.99 23.54
C LEU J 76 6.72 15.88 24.17
N ARG J 77 6.36 17.09 24.58
CA ARG J 77 7.35 17.97 25.18
C ARG J 77 7.59 17.68 26.66
N MET J 78 6.64 17.07 27.35
CA MET J 78 6.90 16.60 28.71
C MET J 78 7.86 15.41 28.72
N LEU J 79 7.74 14.48 27.74
CA LEU J 79 8.52 13.24 27.72
C LEU J 79 9.77 13.28 26.87
N ASP J 80 10.05 14.36 26.15
CA ASP J 80 11.22 14.42 25.27
C ASP J 80 11.88 15.77 25.47
N SER J 81 13.09 15.77 26.03
CA SER J 81 13.81 17.01 26.26
C SER J 81 14.39 17.59 24.97
N GLY J 82 14.55 16.78 23.94
CA GLY J 82 15.06 17.26 22.66
C GLY J 82 13.96 17.46 21.63
#